data_4HCO
#
_entry.id   4HCO
#
_cell.length_a   33.260
_cell.length_b   102.150
_cell.length_c   67.740
_cell.angle_alpha   90.00
_cell.angle_beta   93.96
_cell.angle_gamma   90.00
#
_symmetry.space_group_name_H-M   'P 1 21 1'
#
loop_
_entity.id
_entity.type
_entity.pdbx_description
1 polymer 'Serine/threonine-protein kinase PLK1'
2 non-polymer GLYCEROL
3 non-polymer 2-methyl-5-(1-methylethyl)cyclohexa-2,5-diene-1,4-dione
4 water water
#
_entity_poly.entity_id   1
_entity_poly.type   'polypeptide(L)'
_entity_poly.pdbx_seq_one_letter_code
;SNAGEVVDCHLSDMLQQLHSVNASKPSERGLVRQEEAEDPACIPIFWVSKWVDYSDKYGLGYQLCDNSVGVLFNDSTRLI
LYNDGDSLQYIERDGTESYLTVSSHPNSLMKKITLLKYFRNYMSEHLLKAGANITPREGDELARLPYLRTWFRTRSAIIL
HLSNGSVQINFFQDHTKLILCPLMAAVTYIDEKRDFRTYRLSLLEEYGCCKELASRLRYARTMVDKLLSSRSASNRLKAS
;
_entity_poly.pdbx_strand_id   B,A
#
# COMPACT_ATOMS: atom_id res chain seq x y z
N ASP A 8 2.10 -33.30 7.90
CA ASP A 8 1.73 -31.94 8.38
C ASP A 8 0.24 -31.65 8.14
N CYS A 9 -0.36 -30.91 9.07
CA CYS A 9 -1.77 -30.61 9.01
C CYS A 9 -2.12 -29.68 7.84
N HIS A 10 -1.41 -28.56 7.75
CA HIS A 10 -1.60 -27.55 6.70
C HIS A 10 -1.45 -28.11 5.30
N LEU A 11 -0.47 -28.99 5.10
CA LEU A 11 -0.22 -29.58 3.79
C LEU A 11 -1.37 -30.49 3.36
N SER A 12 -1.91 -31.26 4.29
CA SER A 12 -3.07 -32.09 4.00
C SER A 12 -4.34 -31.24 3.84
N ASP A 13 -4.41 -30.13 4.59
CA ASP A 13 -5.50 -29.16 4.44
C ASP A 13 -5.53 -28.54 3.05
N MET A 14 -4.34 -28.24 2.55
CA MET A 14 -4.18 -27.63 1.24
C MET A 14 -4.45 -28.65 0.13
N LEU A 15 -4.20 -29.91 0.41
CA LEU A 15 -4.45 -30.95 -0.59
C LEU A 15 -5.96 -31.17 -0.85
N GLN A 16 -6.78 -31.07 0.19
CA GLN A 16 -8.24 -31.21 0.08
C GLN A 16 -8.83 -30.01 -0.63
N GLN A 17 -8.23 -28.84 -0.36
CA GLN A 17 -8.65 -27.58 -0.96
C GLN A 17 -8.38 -27.54 -2.47
N LEU A 18 -7.17 -27.94 -2.86
CA LEU A 18 -6.74 -27.98 -4.26
C LEU A 18 -7.47 -29.05 -5.07
N HIS A 19 -7.61 -30.25 -4.51
CA HIS A 19 -8.38 -31.30 -5.17
C HIS A 19 -9.81 -30.82 -5.38
N SER A 20 -10.46 -30.43 -4.29
CA SER A 20 -11.82 -29.95 -4.34
C SER A 20 -12.00 -28.95 -5.48
N VAL A 21 -11.14 -27.94 -5.54
CA VAL A 21 -11.23 -26.90 -6.58
C VAL A 21 -11.01 -27.47 -7.99
N ASN A 22 -10.16 -28.48 -8.12
CA ASN A 22 -9.85 -29.11 -9.40
C ASN A 22 -10.96 -30.06 -9.87
N ALA A 23 -11.52 -30.81 -8.93
CA ALA A 23 -12.63 -31.72 -9.19
C ALA A 23 -13.91 -30.94 -9.47
N SER A 24 -13.84 -29.62 -9.33
CA SER A 24 -14.92 -28.73 -9.73
C SER A 24 -14.74 -28.23 -11.16
N LYS A 25 -13.63 -28.61 -11.80
CA LYS A 25 -13.30 -28.28 -13.20
C LYS A 25 -13.69 -26.83 -13.58
N PRO A 26 -13.11 -25.83 -12.86
CA PRO A 26 -13.60 -24.46 -12.89
C PRO A 26 -13.46 -23.78 -14.25
N SER A 27 -12.61 -24.32 -15.12
CA SER A 27 -12.41 -23.76 -16.45
C SER A 27 -13.46 -24.24 -17.44
N GLU A 28 -14.42 -25.02 -16.96
CA GLU A 28 -15.37 -25.68 -17.83
C GLU A 28 -16.79 -25.19 -17.62
N ARG A 29 -16.97 -24.20 -16.74
CA ARG A 29 -18.28 -23.57 -16.54
C ARG A 29 -18.83 -22.99 -17.82
N GLY A 30 -20.14 -22.73 -17.82
CA GLY A 30 -20.80 -22.09 -18.96
C GLY A 30 -20.18 -20.72 -19.19
N LEU A 31 -20.21 -19.92 -18.13
CA LEU A 31 -19.57 -18.61 -18.10
C LEU A 31 -18.69 -18.54 -16.85
N VAL A 32 -17.44 -18.12 -17.05
CA VAL A 32 -16.48 -17.96 -15.96
C VAL A 32 -16.73 -16.66 -15.19
N ARG A 33 -17.01 -16.77 -13.90
CA ARG A 33 -17.22 -15.56 -13.09
C ARG A 33 -16.13 -15.44 -12.04
N GLN A 34 -14.92 -15.75 -12.48
CA GLN A 34 -13.68 -15.66 -11.71
C GLN A 34 -13.61 -14.43 -10.80
N GLU A 35 -13.91 -13.25 -11.35
CA GLU A 35 -13.89 -11.98 -10.60
C GLU A 35 -14.71 -11.97 -9.30
N GLU A 36 -15.76 -12.78 -9.24
CA GLU A 36 -16.59 -12.89 -8.03
C GLU A 36 -15.91 -13.70 -6.94
N ALA A 37 -14.89 -14.48 -7.31
CA ALA A 37 -14.18 -15.34 -6.37
C ALA A 37 -13.15 -14.60 -5.51
N GLU A 38 -12.82 -13.38 -5.91
CA GLU A 38 -11.82 -12.54 -5.24
C GLU A 38 -12.17 -12.19 -3.78
N ASP A 39 -11.25 -12.48 -2.86
CA ASP A 39 -11.42 -12.05 -1.47
C ASP A 39 -10.21 -11.21 -1.00
N PRO A 40 -10.45 -9.91 -0.79
CA PRO A 40 -9.44 -8.96 -0.28
C PRO A 40 -8.95 -9.29 1.13
N ALA A 41 -9.80 -9.92 1.92
CA ALA A 41 -9.44 -10.33 3.27
C ALA A 41 -8.46 -11.52 3.27
N CYS A 42 -8.15 -12.01 2.07
CA CYS A 42 -7.36 -13.24 1.92
C CYS A 42 -5.94 -13.01 1.38
N ILE A 43 -5.63 -11.76 1.03
CA ILE A 43 -4.32 -11.38 0.49
C ILE A 43 -3.19 -11.79 1.45
N PRO A 44 -2.19 -12.54 0.95
CA PRO A 44 -1.09 -13.01 1.82
C PRO A 44 -0.33 -11.85 2.46
N ILE A 45 0.07 -12.03 3.72
CA ILE A 45 0.90 -11.03 4.38
C ILE A 45 2.35 -11.14 3.88
N PHE A 46 2.80 -12.36 3.61
CA PHE A 46 4.17 -12.61 3.14
C PHE A 46 4.23 -13.47 1.87
N TRP A 47 5.13 -13.12 0.97
CA TRP A 47 5.50 -13.98 -0.15
C TRP A 47 6.98 -13.76 -0.50
N VAL A 48 7.55 -14.67 -1.26
CA VAL A 48 8.93 -14.55 -1.73
C VAL A 48 8.97 -13.67 -2.99
N SER A 49 9.67 -12.55 -2.92
CA SER A 49 9.80 -11.67 -4.10
C SER A 49 11.02 -11.97 -4.98
N LYS A 50 12.13 -12.35 -4.35
CA LYS A 50 13.34 -12.76 -5.08
C LYS A 50 13.94 -13.98 -4.41
N TRP A 51 14.74 -14.75 -5.13
CA TRP A 51 15.37 -15.98 -4.60
C TRP A 51 16.65 -16.37 -5.35
N VAL A 52 17.60 -17.00 -4.63
CA VAL A 52 18.89 -17.38 -5.21
C VAL A 52 19.28 -18.82 -4.87
N ASP A 53 19.51 -19.63 -5.90
CA ASP A 53 19.88 -21.02 -5.73
C ASP A 53 21.40 -21.25 -5.72
N TYR A 54 22.00 -20.99 -4.57
CA TYR A 54 23.41 -21.32 -4.35
C TYR A 54 23.51 -22.59 -3.49
N SER A 55 22.64 -23.56 -3.80
CA SER A 55 22.53 -24.83 -3.08
C SER A 55 23.76 -25.70 -3.23
N ASP A 56 24.49 -25.49 -4.32
CA ASP A 56 25.66 -26.32 -4.61
C ASP A 56 26.77 -26.14 -3.59
N LYS A 57 26.84 -24.98 -2.95
CA LYS A 57 27.88 -24.74 -1.94
C LYS A 57 27.35 -24.20 -0.61
N TYR A 58 26.27 -23.43 -0.65
CA TYR A 58 25.76 -22.73 0.54
C TYR A 58 24.30 -23.01 0.90
N GLY A 59 23.41 -22.95 -0.08
CA GLY A 59 21.98 -23.12 0.16
C GLY A 59 21.13 -22.12 -0.60
N LEU A 60 19.87 -21.98 -0.17
CA LEU A 60 18.94 -21.09 -0.84
C LEU A 60 18.76 -19.81 -0.07
N GLY A 61 19.12 -18.69 -0.70
CA GLY A 61 18.79 -17.38 -0.16
C GLY A 61 17.55 -16.83 -0.84
N TYR A 62 16.73 -16.11 -0.09
CA TYR A 62 15.48 -15.58 -0.62
C TYR A 62 15.21 -14.20 -0.06
N GLN A 63 14.30 -13.48 -0.72
CA GLN A 63 13.83 -12.21 -0.19
C GLN A 63 12.32 -12.29 -0.04
N LEU A 64 11.83 -11.94 1.15
CA LEU A 64 10.40 -11.81 1.37
C LEU A 64 9.93 -10.44 0.88
N CYS A 65 8.63 -10.29 0.70
CA CYS A 65 8.06 -9.06 0.14
C CYS A 65 8.32 -7.80 0.99
N ASP A 66 8.57 -7.97 2.28
CA ASP A 66 8.84 -6.82 3.18
C ASP A 66 10.30 -6.35 3.16
N ASN A 67 11.07 -6.84 2.18
CA ASN A 67 12.48 -6.46 1.97
C ASN A 67 13.45 -7.22 2.85
N SER A 68 12.92 -8.00 3.78
CA SER A 68 13.75 -8.85 4.62
C SER A 68 14.30 -10.00 3.78
N VAL A 69 15.36 -10.64 4.28
CA VAL A 69 15.95 -11.78 3.59
C VAL A 69 16.19 -12.94 4.56
N GLY A 70 16.60 -14.07 4.00
CA GLY A 70 16.78 -15.30 4.75
C GLY A 70 17.57 -16.31 3.94
N VAL A 71 18.15 -17.28 4.64
CA VAL A 71 18.82 -18.40 4.00
C VAL A 71 18.44 -19.71 4.67
N LEU A 72 18.22 -20.72 3.86
CA LEU A 72 18.23 -22.10 4.32
C LEU A 72 19.57 -22.72 3.91
N PHE A 73 20.48 -22.87 4.87
CA PHE A 73 21.80 -23.45 4.58
C PHE A 73 21.73 -24.95 4.31
N ASN A 74 22.83 -25.50 3.80
CA ASN A 74 22.88 -26.93 3.51
C ASN A 74 22.99 -27.77 4.78
N ASP A 75 23.55 -27.17 5.82
CA ASP A 75 23.59 -27.80 7.13
C ASP A 75 22.24 -27.73 7.84
N SER A 76 21.17 -27.50 7.07
CA SER A 76 19.78 -27.38 7.56
C SER A 76 19.46 -26.23 8.50
N THR A 77 20.46 -25.46 8.91
CA THR A 77 20.22 -24.27 9.75
C THR A 77 19.53 -23.15 8.95
N ARG A 78 19.04 -22.14 9.67
CA ARG A 78 18.31 -21.01 9.04
C ARG A 78 18.60 -19.67 9.70
N LEU A 79 18.72 -18.62 8.89
CA LEU A 79 18.95 -17.26 9.40
C LEU A 79 18.05 -16.23 8.70
N ILE A 80 17.49 -15.29 9.46
CA ILE A 80 16.68 -14.19 8.89
C ILE A 80 17.26 -12.80 9.22
N LEU A 81 17.23 -11.91 8.25
CA LEU A 81 17.60 -10.52 8.46
C LEU A 81 16.40 -9.63 8.19
N TYR A 82 16.00 -8.85 9.20
CA TYR A 82 14.83 -7.99 9.13
C TYR A 82 15.11 -6.72 8.31
N ASN A 83 14.07 -6.00 7.92
CA ASN A 83 14.25 -4.80 7.10
C ASN A 83 14.92 -3.59 7.78
N ASP A 84 15.13 -3.67 9.10
CA ASP A 84 15.96 -2.67 9.82
C ASP A 84 17.47 -2.87 9.54
N GLY A 85 17.78 -4.00 8.90
CA GLY A 85 19.11 -4.31 8.43
C GLY A 85 20.11 -4.72 9.49
N ASP A 86 19.60 -4.96 10.71
CA ASP A 86 20.45 -5.37 11.83
C ASP A 86 19.90 -6.59 12.57
N SER A 87 18.61 -6.59 12.86
CA SER A 87 18.00 -7.65 13.67
C SER A 87 17.98 -9.01 12.96
N LEU A 88 18.33 -10.05 13.71
CA LEU A 88 18.44 -11.40 13.15
C LEU A 88 17.62 -12.42 13.92
N GLN A 89 17.42 -13.55 13.26
CA GLN A 89 16.83 -14.73 13.87
C GLN A 89 17.63 -15.89 13.34
N TYR A 90 18.10 -16.72 14.26
CA TYR A 90 18.79 -17.93 13.90
C TYR A 90 17.99 -19.13 14.37
N ILE A 91 17.73 -20.06 13.45
CA ILE A 91 17.03 -21.27 13.81
C ILE A 91 17.94 -22.47 13.55
N GLU A 92 18.25 -23.18 14.63
CA GLU A 92 19.16 -24.31 14.57
C GLU A 92 18.51 -25.50 13.89
N ARG A 93 19.34 -26.48 13.55
CA ARG A 93 18.94 -27.67 12.79
C ARG A 93 17.74 -28.35 13.45
N ASP A 94 17.82 -28.49 14.76
CA ASP A 94 16.80 -29.17 15.57
C ASP A 94 15.63 -28.25 15.98
N GLY A 95 15.55 -27.07 15.37
CA GLY A 95 14.36 -26.19 15.46
C GLY A 95 14.40 -25.05 16.46
N THR A 96 15.46 -24.98 17.27
CA THR A 96 15.63 -23.92 18.28
C THR A 96 15.82 -22.51 17.66
N GLU A 97 14.97 -21.58 18.06
CA GLU A 97 15.04 -20.20 17.59
C GLU A 97 15.83 -19.33 18.56
N SER A 98 16.38 -18.22 18.07
CA SER A 98 17.12 -17.25 18.89
C SER A 98 17.29 -15.91 18.16
N TYR A 99 17.42 -14.82 18.92
CA TYR A 99 17.42 -13.47 18.34
C TYR A 99 18.70 -12.69 18.66
N LEU A 100 19.37 -12.23 17.60
CA LEU A 100 20.61 -11.48 17.74
C LEU A 100 20.55 -10.25 16.86
N THR A 101 21.46 -9.30 17.06
CA THR A 101 21.68 -8.27 16.06
C THR A 101 22.95 -8.62 15.31
N VAL A 102 23.08 -8.14 14.07
CA VAL A 102 24.32 -8.33 13.31
C VAL A 102 25.47 -7.63 14.01
N SER A 103 25.17 -6.44 14.54
CA SER A 103 26.15 -5.51 15.09
C SER A 103 26.63 -5.90 16.48
N SER A 104 26.01 -6.91 17.06
CA SER A 104 26.51 -7.54 18.29
C SER A 104 27.79 -8.34 18.01
N HIS A 105 28.03 -8.58 16.71
CA HIS A 105 29.19 -9.32 16.18
C HIS A 105 29.41 -10.71 16.78
N PRO A 106 28.42 -11.61 16.60
CA PRO A 106 28.63 -12.94 17.13
C PRO A 106 29.66 -13.68 16.27
N ASN A 107 30.76 -14.10 16.89
CA ASN A 107 31.85 -14.71 16.15
C ASN A 107 31.45 -15.99 15.43
N SER A 108 30.64 -16.80 16.10
CA SER A 108 30.16 -18.07 15.55
C SER A 108 29.20 -17.98 14.34
N LEU A 109 28.69 -16.78 14.06
CA LEU A 109 27.73 -16.61 12.96
C LEU A 109 28.21 -15.67 11.84
N MET A 110 29.40 -15.11 11.97
CA MET A 110 29.91 -14.12 11.01
C MET A 110 29.89 -14.67 9.61
N LYS A 111 30.31 -15.92 9.44
CA LYS A 111 30.32 -16.54 8.13
C LYS A 111 28.89 -16.55 7.60
N LYS A 112 27.96 -16.98 8.45
CA LYS A 112 26.56 -17.11 8.06
C LYS A 112 25.92 -15.76 7.84
N ILE A 113 26.36 -14.76 8.60
CA ILE A 113 25.91 -13.37 8.38
C ILE A 113 26.41 -12.94 7.01
N THR A 114 27.73 -13.00 6.80
CA THR A 114 28.34 -12.62 5.53
C THR A 114 27.69 -13.29 4.33
N LEU A 115 27.50 -14.61 4.40
CA LEU A 115 26.83 -15.36 3.35
C LEU A 115 25.48 -14.73 3.02
N LEU A 116 24.63 -14.61 4.05
CA LEU A 116 23.31 -14.02 3.92
C LEU A 116 23.36 -12.61 3.37
N LYS A 117 24.40 -11.86 3.73
CA LYS A 117 24.54 -10.47 3.32
C LYS A 117 24.85 -10.41 1.83
N TYR A 118 25.68 -11.34 1.37
CA TYR A 118 25.95 -11.50 -0.05
C TYR A 118 24.66 -11.72 -0.82
N PHE A 119 23.86 -12.68 -0.36
CA PHE A 119 22.57 -12.99 -0.95
C PHE A 119 21.73 -11.73 -1.10
N ARG A 120 21.61 -10.95 -0.01
CA ARG A 120 20.80 -9.74 -0.03
C ARG A 120 21.33 -8.76 -1.06
N ASN A 121 22.62 -8.41 -0.92
CA ASN A 121 23.30 -7.54 -1.87
C ASN A 121 23.05 -7.94 -3.30
N TYR A 122 23.12 -9.26 -3.56
CA TYR A 122 23.00 -9.82 -4.90
C TYR A 122 21.61 -9.70 -5.54
N MET A 123 20.57 -9.92 -4.76
CA MET A 123 19.20 -9.83 -5.26
C MET A 123 18.83 -8.37 -5.46
N SER A 124 19.52 -7.48 -4.74
CA SER A 124 19.31 -6.03 -4.82
C SER A 124 19.75 -5.44 -6.15
N GLU A 125 20.90 -5.88 -6.64
CA GLU A 125 21.45 -5.37 -7.89
C GLU A 125 21.16 -6.25 -9.12
N HIS A 126 20.77 -7.50 -8.90
CA HIS A 126 20.72 -8.43 -10.01
C HIS A 126 19.40 -9.14 -10.23
N LEU A 127 18.40 -8.85 -9.41
CA LEU A 127 17.07 -9.45 -9.58
C LEU A 127 15.91 -8.47 -9.46
N LEU A 128 14.82 -8.79 -10.15
CA LEU A 128 13.60 -7.98 -10.12
C LEU A 128 12.62 -8.46 -9.05
N LYS A 129 11.96 -7.51 -8.39
CA LYS A 129 11.06 -7.81 -7.28
C LYS A 129 9.72 -8.31 -7.79
N ALA A 130 9.43 -9.59 -7.52
CA ALA A 130 8.16 -10.19 -7.95
C ALA A 130 7.01 -9.72 -7.06
N GLY A 131 6.06 -9.01 -7.67
CA GLY A 131 4.92 -8.47 -6.94
C GLY A 131 5.25 -7.24 -6.13
N ALA A 132 6.11 -6.39 -6.68
CA ALA A 132 6.49 -5.12 -6.06
C ALA A 132 5.28 -4.18 -5.96
N ASN A 133 4.23 -4.52 -6.72
CA ASN A 133 2.98 -3.76 -6.77
C ASN A 133 1.93 -4.17 -5.74
N ILE A 134 1.81 -5.48 -5.50
CA ILE A 134 0.67 -6.04 -4.75
C ILE A 134 0.28 -5.21 -3.51
N THR A 135 -0.98 -4.79 -3.46
CA THR A 135 -1.57 -4.20 -2.25
C THR A 135 -1.60 -5.28 -1.16
N PRO A 136 -1.11 -4.94 0.06
CA PRO A 136 -0.68 -5.95 1.04
C PRO A 136 -1.68 -6.40 2.12
N ARG A 137 -2.93 -5.93 2.04
CA ARG A 137 -4.01 -6.22 3.03
C ARG A 137 -3.87 -5.38 4.29
N LEU A 142 -1.97 -8.23 11.50
CA LEU A 142 -0.67 -8.34 12.16
C LEU A 142 -0.32 -9.82 12.41
N ALA A 143 0.89 -10.23 11.97
CA ALA A 143 1.29 -11.64 11.89
C ALA A 143 2.80 -11.89 12.10
N ARG A 144 3.18 -13.15 12.31
CA ARG A 144 4.60 -13.56 12.53
C ARG A 144 5.34 -13.84 11.22
N LEU A 145 6.60 -13.40 11.16
CA LEU A 145 7.45 -13.54 9.96
C LEU A 145 8.04 -14.94 9.79
N PRO A 146 7.63 -15.65 8.72
CA PRO A 146 8.00 -17.05 8.52
C PRO A 146 9.36 -17.24 7.87
N TYR A 147 9.87 -18.47 7.97
CA TYR A 147 11.10 -18.90 7.30
C TYR A 147 10.79 -20.00 6.28
N LEU A 148 11.67 -20.16 5.30
CA LEU A 148 11.54 -21.25 4.35
C LEU A 148 11.71 -22.59 5.06
N ARG A 149 10.59 -23.30 5.27
CA ARG A 149 10.63 -24.65 5.84
C ARG A 149 11.38 -25.61 4.92
N THR A 150 10.96 -25.67 3.66
CA THR A 150 11.71 -26.42 2.67
C THR A 150 11.44 -25.95 1.23
N TRP A 151 12.14 -26.54 0.27
CA TRP A 151 12.03 -26.13 -1.12
C TRP A 151 12.47 -27.24 -2.05
N PHE A 152 11.99 -27.18 -3.29
CA PHE A 152 12.59 -27.96 -4.37
C PHE A 152 12.34 -27.30 -5.70
N ARG A 153 13.12 -27.69 -6.70
CA ARG A 153 12.78 -27.35 -8.08
C ARG A 153 12.56 -28.60 -8.93
N THR A 154 11.68 -28.46 -9.92
CA THR A 154 11.46 -29.48 -10.94
C THR A 154 11.95 -28.91 -12.27
N ARG A 155 11.52 -29.53 -13.38
CA ARG A 155 11.87 -29.03 -14.71
C ARG A 155 11.13 -27.72 -15.06
N SER A 156 9.95 -27.52 -14.47
CA SER A 156 9.08 -26.43 -14.90
C SER A 156 8.87 -25.34 -13.86
N ALA A 157 9.15 -25.65 -12.59
CA ALA A 157 8.91 -24.71 -11.49
C ALA A 157 9.84 -24.88 -10.28
N ILE A 158 9.83 -23.87 -9.40
CA ILE A 158 10.45 -23.93 -8.08
C ILE A 158 9.36 -23.71 -7.01
N ILE A 159 9.38 -24.56 -5.98
CA ILE A 159 8.35 -24.59 -4.95
C ILE A 159 8.95 -24.14 -3.62
N LEU A 160 8.28 -23.21 -2.95
CA LEU A 160 8.79 -22.64 -1.70
C LEU A 160 7.78 -22.76 -0.59
N HIS A 161 8.14 -23.54 0.43
CA HIS A 161 7.23 -23.94 1.49
C HIS A 161 7.58 -23.17 2.77
N LEU A 162 6.70 -22.24 3.13
CA LEU A 162 6.95 -21.35 4.27
C LEU A 162 6.36 -21.92 5.54
N SER A 163 6.77 -21.40 6.68
CA SER A 163 6.40 -21.95 7.97
C SER A 163 5.08 -21.40 8.54
N ASN A 164 4.51 -20.40 7.88
CA ASN A 164 3.18 -19.95 8.26
C ASN A 164 2.09 -20.80 7.60
N GLY A 165 2.51 -21.86 6.90
CA GLY A 165 1.62 -22.74 6.18
C GLY A 165 1.65 -22.56 4.66
N SER A 166 2.07 -21.39 4.21
CA SER A 166 1.99 -21.03 2.80
C SER A 166 2.93 -21.84 1.89
N VAL A 167 2.44 -22.11 0.67
CA VAL A 167 3.24 -22.68 -0.42
C VAL A 167 3.15 -21.75 -1.64
N GLN A 168 4.32 -21.36 -2.15
CA GLN A 168 4.46 -20.51 -3.32
C GLN A 168 5.15 -21.28 -4.43
N ILE A 169 4.68 -21.08 -5.67
CA ILE A 169 5.23 -21.77 -6.83
C ILE A 169 5.55 -20.80 -7.96
N ASN A 170 6.80 -20.88 -8.46
CA ASN A 170 7.26 -20.03 -9.55
C ASN A 170 7.68 -20.85 -10.79
N PHE A 171 6.87 -20.80 -11.84
CA PHE A 171 7.14 -21.50 -13.11
C PHE A 171 8.21 -20.77 -13.92
N PHE A 172 9.15 -21.51 -14.48
CA PHE A 172 10.27 -20.89 -15.21
C PHE A 172 9.87 -20.38 -16.59
N GLN A 173 9.11 -21.19 -17.32
CA GLN A 173 8.73 -20.89 -18.70
C GLN A 173 8.36 -19.42 -18.92
N ASP A 174 7.39 -18.94 -18.14
CA ASP A 174 6.66 -17.71 -18.45
C ASP A 174 6.48 -16.72 -17.28
N HIS A 175 7.16 -16.99 -16.15
CA HIS A 175 7.18 -16.09 -14.97
C HIS A 175 5.89 -16.01 -14.15
N THR A 176 4.99 -16.97 -14.37
CA THR A 176 3.73 -17.04 -13.61
C THR A 176 3.96 -17.70 -12.28
N LYS A 177 3.27 -17.21 -11.25
CA LYS A 177 3.54 -17.63 -9.86
C LYS A 177 2.27 -17.79 -9.02
N LEU A 178 2.32 -18.72 -8.06
CA LEU A 178 1.19 -19.02 -7.17
C LEU A 178 1.54 -18.89 -5.70
N ILE A 179 0.69 -18.20 -4.95
CA ILE A 179 0.84 -18.17 -3.50
C ILE A 179 -0.39 -18.74 -2.83
N LEU A 180 -0.27 -19.99 -2.39
CA LEU A 180 -1.35 -20.72 -1.75
C LEU A 180 -1.26 -20.65 -0.24
N CYS A 181 -2.35 -20.28 0.40
CA CYS A 181 -2.45 -20.29 1.88
C CYS A 181 -3.53 -21.27 2.33
N PRO A 182 -3.16 -22.24 3.17
CA PRO A 182 -4.12 -23.25 3.62
C PRO A 182 -5.01 -22.77 4.77
N LEU A 183 -4.64 -21.62 5.36
CA LEU A 183 -5.38 -21.04 6.49
C LEU A 183 -6.56 -20.22 5.99
N MET A 184 -6.31 -19.41 4.97
CA MET A 184 -7.36 -18.62 4.34
C MET A 184 -8.08 -19.44 3.28
N ALA A 185 -7.50 -20.61 2.97
CA ALA A 185 -7.97 -21.45 1.88
C ALA A 185 -8.11 -20.56 0.65
N ALA A 186 -7.00 -19.90 0.30
CA ALA A 186 -6.97 -18.92 -0.75
C ALA A 186 -5.72 -19.08 -1.63
N VAL A 187 -5.85 -18.75 -2.91
CA VAL A 187 -4.72 -18.75 -3.85
C VAL A 187 -4.54 -17.37 -4.48
N THR A 188 -3.30 -16.95 -4.64
CA THR A 188 -2.98 -15.67 -5.27
C THR A 188 -2.25 -15.96 -6.58
N TYR A 189 -2.84 -15.54 -7.70
CA TYR A 189 -2.25 -15.81 -9.00
C TYR A 189 -1.58 -14.57 -9.54
N ILE A 190 -0.37 -14.75 -10.04
CA ILE A 190 0.40 -13.69 -10.67
C ILE A 190 0.68 -14.07 -12.12
N ASP A 191 -0.05 -13.42 -13.04
CA ASP A 191 0.05 -13.72 -14.47
C ASP A 191 1.35 -13.19 -15.09
N GLU A 192 1.49 -13.30 -16.42
CA GLU A 192 2.71 -12.89 -17.12
C GLU A 192 2.92 -11.35 -17.22
N LYS A 193 1.87 -10.59 -16.90
CA LYS A 193 1.92 -9.11 -16.86
C LYS A 193 2.04 -8.59 -15.41
N ARG A 194 2.50 -9.44 -14.51
CA ARG A 194 2.73 -9.07 -13.09
C ARG A 194 1.48 -8.49 -12.37
N ASP A 195 0.29 -8.78 -12.90
CA ASP A 195 -0.97 -8.41 -12.25
C ASP A 195 -1.31 -9.42 -11.16
N PHE A 196 -1.85 -8.93 -10.05
CA PHE A 196 -2.05 -9.73 -8.84
C PHE A 196 -3.52 -9.87 -8.46
N ARG A 197 -3.94 -11.10 -8.16
CA ARG A 197 -5.31 -11.39 -7.72
C ARG A 197 -5.35 -12.53 -6.68
N THR A 198 -6.14 -12.35 -5.62
CA THR A 198 -6.30 -13.36 -4.55
C THR A 198 -7.71 -13.96 -4.57
N TYR A 199 -7.81 -15.29 -4.53
CA TYR A 199 -9.10 -15.98 -4.62
C TYR A 199 -9.32 -16.92 -3.44
N ARG A 200 -10.57 -17.07 -3.01
CA ARG A 200 -10.89 -18.10 -2.03
C ARG A 200 -11.17 -19.33 -2.85
N LEU A 201 -10.36 -20.36 -2.66
CA LEU A 201 -10.46 -21.60 -3.43
C LEU A 201 -11.89 -22.12 -3.63
N SER A 202 -12.75 -21.95 -2.63
CA SER A 202 -14.11 -22.45 -2.70
C SER A 202 -15.04 -21.59 -3.57
N LEU A 203 -14.67 -20.33 -3.77
CA LEU A 203 -15.44 -19.46 -4.65
C LEU A 203 -15.08 -19.70 -6.11
N LEU A 204 -13.81 -20.06 -6.35
CA LEU A 204 -13.38 -20.59 -7.66
C LEU A 204 -14.12 -21.88 -8.05
N GLU A 205 -14.45 -22.71 -7.06
CA GLU A 205 -15.34 -23.83 -7.28
C GLU A 205 -16.68 -23.35 -7.82
N GLU A 206 -17.19 -22.26 -7.24
CA GLU A 206 -18.54 -21.77 -7.52
C GLU A 206 -18.63 -20.93 -8.79
N TYR A 207 -17.68 -20.02 -8.98
CA TYR A 207 -17.70 -19.07 -10.10
C TYR A 207 -16.72 -19.43 -11.20
N GLY A 208 -16.07 -20.58 -11.08
CA GLY A 208 -15.07 -21.02 -12.07
C GLY A 208 -13.80 -20.17 -12.09
N CYS A 209 -13.07 -20.28 -13.20
CA CYS A 209 -11.85 -19.49 -13.45
C CYS A 209 -11.31 -19.86 -14.82
N CYS A 210 -10.41 -19.03 -15.35
CA CYS A 210 -9.82 -19.27 -16.68
C CYS A 210 -8.96 -20.53 -16.74
N LYS A 211 -8.66 -20.95 -17.96
CA LYS A 211 -7.88 -22.18 -18.24
C LYS A 211 -6.43 -22.12 -17.75
N GLU A 212 -5.90 -20.90 -17.63
CA GLU A 212 -4.51 -20.70 -17.17
C GLU A 212 -4.36 -21.01 -15.69
N LEU A 213 -5.23 -20.42 -14.88
CA LEU A 213 -5.21 -20.62 -13.45
C LEU A 213 -5.56 -22.07 -13.08
N ALA A 214 -6.57 -22.63 -13.75
CA ALA A 214 -6.99 -24.01 -13.52
C ALA A 214 -5.86 -25.03 -13.76
N SER A 215 -5.10 -24.84 -14.83
CA SER A 215 -4.03 -25.78 -15.19
C SER A 215 -2.81 -25.68 -14.27
N ARG A 216 -2.63 -24.49 -13.70
CA ARG A 216 -1.58 -24.26 -12.72
C ARG A 216 -1.97 -24.79 -11.35
N LEU A 217 -3.26 -24.75 -11.04
CA LEU A 217 -3.81 -25.34 -9.83
C LEU A 217 -3.83 -26.86 -9.92
N ARG A 218 -3.88 -27.38 -11.14
CA ARG A 218 -3.84 -28.80 -11.34
C ARG A 218 -2.43 -29.29 -11.08
N TYR A 219 -1.46 -28.42 -11.40
CA TYR A 219 -0.03 -28.67 -11.20
C TYR A 219 0.40 -28.52 -9.74
N ALA A 220 0.00 -27.40 -9.13
CA ALA A 220 0.18 -27.14 -7.70
C ALA A 220 -0.17 -28.35 -6.83
N ARG A 221 -1.26 -29.01 -7.15
CA ARG A 221 -1.71 -30.15 -6.36
C ARG A 221 -0.71 -31.32 -6.37
N THR A 222 -0.07 -31.55 -7.53
CA THR A 222 1.00 -32.53 -7.67
C THR A 222 2.23 -32.17 -6.84
N MET A 223 2.52 -30.87 -6.75
CA MET A 223 3.65 -30.36 -5.97
C MET A 223 3.44 -30.51 -4.48
N VAL A 224 2.18 -30.42 -4.04
CA VAL A 224 1.84 -30.64 -2.65
C VAL A 224 1.87 -32.13 -2.35
N ASP A 225 1.49 -32.94 -3.34
CA ASP A 225 1.66 -34.38 -3.26
C ASP A 225 3.14 -34.74 -3.12
N LYS A 226 4.02 -33.92 -3.70
CA LYS A 226 5.47 -34.10 -3.55
C LYS A 226 5.97 -33.67 -2.18
N LEU A 227 5.37 -32.64 -1.60
CA LEU A 227 5.80 -32.15 -0.29
C LEU A 227 5.45 -33.13 0.81
N LEU A 228 4.22 -33.62 0.80
CA LEU A 228 3.75 -34.61 1.77
C LEU A 228 4.56 -35.91 1.71
N SER A 229 4.78 -36.39 0.49
CA SER A 229 5.60 -37.56 0.22
C SER A 229 7.02 -37.42 0.78
N SER A 230 7.58 -36.21 0.74
CA SER A 230 8.89 -35.93 1.33
C SER A 230 8.85 -35.25 2.71
N ARG A 231 7.71 -35.34 3.39
CA ARG A 231 7.57 -34.84 4.77
C ARG A 231 6.88 -35.86 5.68
N HIS B 10 -1.95 11.46 -11.07
CA HIS B 10 -0.92 11.44 -9.98
C HIS B 10 -1.27 10.48 -8.85
N LEU B 11 -2.49 9.95 -8.87
CA LEU B 11 -3.02 9.07 -7.81
C LEU B 11 -2.28 7.72 -7.70
N SER B 12 -1.79 7.23 -8.83
CA SER B 12 -1.01 5.99 -8.89
C SER B 12 0.42 6.22 -8.40
N ASP B 13 0.96 7.39 -8.70
CA ASP B 13 2.30 7.75 -8.23
C ASP B 13 2.34 7.75 -6.71
N MET B 14 1.34 8.37 -6.09
CA MET B 14 1.23 8.41 -4.64
C MET B 14 1.06 7.02 -4.01
N LEU B 15 0.46 6.10 -4.75
CA LEU B 15 0.23 4.75 -4.25
C LEU B 15 1.51 3.89 -4.24
N GLN B 16 2.34 4.05 -5.28
CA GLN B 16 3.68 3.47 -5.28
C GLN B 16 4.52 4.04 -4.12
N GLN B 17 4.42 5.35 -3.91
CA GLN B 17 5.15 6.04 -2.83
C GLN B 17 4.74 5.57 -1.44
N LEU B 18 3.46 5.29 -1.25
CA LEU B 18 2.93 4.80 0.02
C LEU B 18 3.20 3.30 0.24
N HIS B 19 3.04 2.50 -0.81
CA HIS B 19 3.38 1.07 -0.77
C HIS B 19 4.85 0.92 -0.37
N SER B 20 5.71 1.74 -0.97
CA SER B 20 7.15 1.67 -0.75
C SER B 20 7.60 1.91 0.70
N VAL B 21 7.11 2.99 1.29
CA VAL B 21 7.45 3.37 2.68
C VAL B 21 6.86 2.42 3.74
N ASN B 22 5.61 2.00 3.55
CA ASN B 22 4.89 1.17 4.51
C ASN B 22 5.49 -0.23 4.63
N ALA B 23 5.92 -0.79 3.51
CA ALA B 23 6.57 -2.12 3.46
C ALA B 23 7.86 -2.14 4.27
N SER B 24 8.62 -1.04 4.22
CA SER B 24 9.87 -0.87 4.96
C SER B 24 9.67 -0.86 6.49
N LYS B 25 8.40 -0.83 6.92
CA LYS B 25 8.02 -0.83 8.34
C LYS B 25 8.86 0.19 9.12
N PRO B 26 8.63 1.50 8.84
CA PRO B 26 9.51 2.57 9.33
C PRO B 26 9.49 2.78 10.85
N SER B 27 8.42 2.34 11.51
CA SER B 27 8.35 2.42 12.97
C SER B 27 9.18 1.33 13.65
N GLU B 28 9.41 0.21 12.94
CA GLU B 28 10.10 -0.94 13.51
C GLU B 28 11.62 -0.83 13.40
N ARG B 29 12.18 0.25 13.94
CA ARG B 29 13.63 0.48 13.90
C ARG B 29 14.21 0.62 15.29
N GLY B 30 15.52 0.39 15.38
CA GLY B 30 16.26 0.57 16.63
C GLY B 30 16.14 2.00 17.11
N LEU B 31 16.66 2.92 16.30
CA LEU B 31 16.56 4.35 16.56
C LEU B 31 15.83 5.08 15.44
N VAL B 32 14.70 5.68 15.80
CA VAL B 32 13.93 6.55 14.91
C VAL B 32 14.70 7.85 14.74
N ARG B 33 15.01 8.18 13.49
CA ARG B 33 15.66 9.44 13.15
C ARG B 33 14.74 10.27 12.27
N GLN B 34 13.47 10.32 12.68
CA GLN B 34 12.36 10.96 11.94
C GLN B 34 12.69 12.34 11.39
N GLU B 35 13.38 13.15 12.20
CA GLU B 35 13.77 14.53 11.88
C GLU B 35 14.69 14.66 10.67
N GLU B 36 15.38 13.58 10.30
CA GLU B 36 16.31 13.60 9.17
C GLU B 36 15.57 13.51 7.83
N ALA B 37 14.27 13.24 7.90
CA ALA B 37 13.41 13.15 6.71
C ALA B 37 12.67 14.46 6.42
N GLU B 38 12.68 15.38 7.37
CA GLU B 38 12.05 16.70 7.22
C GLU B 38 12.62 17.45 6.02
N ASP B 39 11.76 18.16 5.29
CA ASP B 39 12.23 19.12 4.28
C ASP B 39 11.29 20.33 4.07
N PRO B 40 11.62 21.47 4.70
CA PRO B 40 10.77 22.67 4.63
C PRO B 40 10.69 23.27 3.21
N ALA B 41 11.38 22.63 2.26
CA ALA B 41 11.29 22.99 0.85
C ALA B 41 10.09 22.33 0.21
N CYS B 42 9.56 21.31 0.87
CA CYS B 42 8.44 20.52 0.34
C CYS B 42 7.10 20.87 0.99
N ILE B 43 7.10 21.95 1.77
CA ILE B 43 5.89 22.45 2.41
C ILE B 43 4.82 22.75 1.34
N PRO B 44 3.58 22.28 1.54
CA PRO B 44 2.53 22.43 0.54
C PRO B 44 2.27 23.89 0.18
N ILE B 45 1.81 24.14 -1.04
CA ILE B 45 1.40 25.50 -1.40
C ILE B 45 -0.05 25.69 -0.97
N PHE B 46 -0.85 24.62 -1.10
CA PHE B 46 -2.25 24.66 -0.71
C PHE B 46 -2.58 23.44 0.12
N TRP B 47 -3.57 23.63 0.99
CA TRP B 47 -4.25 22.56 1.71
C TRP B 47 -5.62 23.05 2.16
N VAL B 48 -6.50 22.14 2.59
CA VAL B 48 -7.83 22.54 3.04
C VAL B 48 -7.78 22.90 4.51
N SER B 49 -7.97 24.18 4.76
CA SER B 49 -7.91 24.74 6.09
C SER B 49 -9.25 24.66 6.81
N LYS B 50 -10.34 24.58 6.04
CA LYS B 50 -11.68 24.56 6.59
C LYS B 50 -12.64 23.82 5.65
N TRP B 51 -13.71 23.26 6.21
CA TRP B 51 -14.71 22.58 5.39
C TRP B 51 -16.04 22.47 6.11
N VAL B 52 -17.11 22.34 5.31
CA VAL B 52 -18.49 22.25 5.78
C VAL B 52 -19.21 21.16 4.99
N ASP B 53 -19.66 20.13 5.69
CA ASP B 53 -20.37 19.03 5.06
C ASP B 53 -21.86 19.34 5.00
N TYR B 54 -22.26 19.98 3.92
CA TYR B 54 -23.66 20.31 3.68
C TYR B 54 -24.21 19.42 2.59
N SER B 55 -23.52 18.31 2.33
CA SER B 55 -23.86 17.38 1.25
C SER B 55 -25.28 16.82 1.33
N ASP B 56 -25.90 16.97 2.50
CA ASP B 56 -27.27 16.52 2.72
C ASP B 56 -28.27 17.34 1.93
N LYS B 57 -27.80 18.44 1.35
CA LYS B 57 -28.67 19.33 0.58
C LYS B 57 -27.95 20.01 -0.58
N TYR B 58 -26.85 20.71 -0.31
CA TYR B 58 -26.22 21.55 -1.33
C TYR B 58 -24.89 21.02 -1.86
N GLY B 59 -24.02 20.56 -0.98
CA GLY B 59 -22.72 20.07 -1.39
C GLY B 59 -21.71 20.24 -0.29
N LEU B 60 -20.45 20.38 -0.67
CA LEU B 60 -19.39 20.59 0.31
C LEU B 60 -18.60 21.86 0.05
N GLY B 61 -18.75 22.82 0.96
CA GLY B 61 -18.04 24.09 0.87
C GLY B 61 -16.79 24.02 1.71
N TYR B 62 -15.68 24.52 1.17
CA TYR B 62 -14.38 24.47 1.82
C TYR B 62 -13.63 25.78 1.63
N GLN B 63 -12.47 25.87 2.26
CA GLN B 63 -11.58 27.01 2.16
C GLN B 63 -10.17 26.47 2.12
N LEU B 64 -9.40 26.91 1.14
CA LEU B 64 -7.99 26.54 1.09
C LEU B 64 -7.18 27.49 1.99
N CYS B 65 -5.87 27.27 2.07
CA CYS B 65 -5.04 28.00 3.03
C CYS B 65 -4.77 29.47 2.61
N ASP B 66 -4.94 29.78 1.32
CA ASP B 66 -4.71 31.15 0.86
C ASP B 66 -6.00 31.99 0.96
N ASN B 67 -6.96 31.50 1.74
CA ASN B 67 -8.24 32.15 2.00
C ASN B 67 -9.31 32.05 0.92
N SER B 68 -8.93 31.55 -0.25
CA SER B 68 -9.89 31.32 -1.33
C SER B 68 -10.95 30.31 -0.90
N VAL B 69 -12.18 30.47 -1.37
CA VAL B 69 -13.27 29.55 -1.03
C VAL B 69 -13.82 28.85 -2.26
N GLY B 70 -13.88 27.52 -2.22
CA GLY B 70 -14.53 26.75 -3.28
C GLY B 70 -15.68 25.89 -2.77
N VAL B 71 -16.56 25.48 -3.68
CA VAL B 71 -17.61 24.51 -3.38
C VAL B 71 -17.64 23.44 -4.46
N LEU B 72 -17.82 22.19 -4.05
CA LEU B 72 -18.27 21.15 -4.96
C LEU B 72 -19.73 20.85 -4.64
N PHE B 73 -20.63 21.17 -5.56
CA PHE B 73 -22.05 21.03 -5.30
C PHE B 73 -22.54 19.62 -5.56
N ASN B 74 -23.71 19.32 -5.03
CA ASN B 74 -24.30 18.01 -5.17
C ASN B 74 -24.57 17.65 -6.63
N ASP B 75 -24.51 18.64 -7.52
CA ASP B 75 -24.68 18.39 -8.97
C ASP B 75 -23.39 18.22 -9.75
N SER B 76 -22.28 18.07 -9.03
CA SER B 76 -20.96 17.77 -9.60
C SER B 76 -20.26 18.97 -10.22
N THR B 77 -21.01 20.09 -10.31
CA THR B 77 -20.46 21.38 -10.72
C THR B 77 -19.75 21.97 -9.54
N ARG B 78 -18.75 22.79 -9.83
CA ARG B 78 -17.88 23.40 -8.84
C ARG B 78 -17.82 24.91 -9.05
N LEU B 79 -17.75 25.66 -7.95
CA LEU B 79 -17.45 27.10 -8.00
C LEU B 79 -16.33 27.39 -7.05
N ILE B 80 -15.44 28.31 -7.44
CA ILE B 80 -14.29 28.69 -6.66
C ILE B 80 -14.19 30.21 -6.67
N LEU B 81 -14.08 30.80 -5.49
CA LEU B 81 -13.88 32.23 -5.34
C LEU B 81 -12.47 32.49 -4.83
N TYR B 82 -11.74 33.34 -5.56
CA TYR B 82 -10.34 33.66 -5.25
C TYR B 82 -10.19 34.69 -4.12
N ASN B 83 -9.01 34.71 -3.50
CA ASN B 83 -8.83 35.52 -2.30
C ASN B 83 -8.89 37.02 -2.52
N ASP B 84 -9.00 37.47 -3.78
CA ASP B 84 -9.32 38.87 -4.06
C ASP B 84 -10.81 39.16 -3.82
N GLY B 85 -11.59 38.11 -3.57
CA GLY B 85 -12.96 38.24 -3.12
C GLY B 85 -13.96 38.69 -4.16
N ASP B 86 -13.55 38.69 -5.43
CA ASP B 86 -14.44 39.05 -6.54
C ASP B 86 -14.30 38.11 -7.74
N SER B 87 -13.08 37.61 -8.00
CA SER B 87 -12.83 36.71 -9.13
C SER B 87 -13.37 35.33 -8.86
N LEU B 88 -14.02 34.75 -9.87
CA LEU B 88 -14.58 33.40 -9.77
C LEU B 88 -14.00 32.44 -10.79
N GLN B 89 -14.27 31.15 -10.57
CA GLN B 89 -14.07 30.10 -11.53
C GLN B 89 -15.21 29.14 -11.33
N TYR B 90 -15.97 28.89 -12.38
CA TYR B 90 -17.04 27.91 -12.36
C TYR B 90 -16.63 26.74 -13.22
N ILE B 91 -16.78 25.53 -12.70
CA ILE B 91 -16.49 24.33 -13.49
C ILE B 91 -17.77 23.55 -13.70
N GLU B 92 -18.05 23.25 -14.96
CA GLU B 92 -19.26 22.53 -15.31
C GLU B 92 -19.11 21.03 -15.09
N ARG B 93 -20.25 20.33 -15.03
CA ARG B 93 -20.27 18.86 -14.89
C ARG B 93 -19.17 18.17 -15.70
N ASP B 94 -19.09 18.52 -16.98
CA ASP B 94 -18.13 17.93 -17.93
C ASP B 94 -16.72 18.52 -17.80
N GLY B 95 -16.46 19.26 -16.73
CA GLY B 95 -15.14 19.83 -16.49
C GLY B 95 -14.77 21.02 -17.35
N THR B 96 -15.75 21.67 -17.99
CA THR B 96 -15.48 22.88 -18.76
C THR B 96 -15.30 24.06 -17.82
N GLU B 97 -14.06 24.56 -17.73
CA GLU B 97 -13.74 25.66 -16.85
C GLU B 97 -14.09 26.99 -17.50
N SER B 98 -14.41 27.97 -16.65
CA SER B 98 -14.98 29.25 -17.04
C SER B 98 -14.70 30.28 -15.95
N TYR B 99 -14.21 31.45 -16.34
CA TYR B 99 -13.93 32.51 -15.36
C TYR B 99 -15.00 33.58 -15.41
N LEU B 100 -15.25 34.21 -14.28
CA LEU B 100 -16.17 35.35 -14.20
C LEU B 100 -15.98 36.12 -12.90
N THR B 101 -16.91 37.03 -12.64
CA THR B 101 -16.81 37.91 -11.49
C THR B 101 -18.10 37.92 -10.67
N VAL B 102 -17.97 37.89 -9.36
CA VAL B 102 -19.12 38.02 -8.46
C VAL B 102 -19.95 39.25 -8.80
N SER B 103 -19.25 40.37 -8.99
CA SER B 103 -19.84 41.69 -9.21
C SER B 103 -20.60 41.79 -10.53
N SER B 104 -20.02 41.30 -11.62
CA SER B 104 -20.80 41.04 -12.85
C SER B 104 -21.27 39.60 -12.82
N HIS B 105 -22.14 39.31 -11.84
CA HIS B 105 -22.58 37.96 -11.54
C HIS B 105 -23.85 37.65 -12.32
N PRO B 106 -23.85 36.51 -13.04
CA PRO B 106 -24.97 36.23 -13.91
C PRO B 106 -26.11 35.59 -13.13
N ASN B 107 -27.34 35.73 -13.65
CA ASN B 107 -28.52 35.19 -13.00
C ASN B 107 -28.52 33.67 -12.85
N SER B 108 -27.85 32.98 -13.78
CA SER B 108 -27.83 31.53 -13.80
C SER B 108 -27.00 31.00 -12.63
N LEU B 109 -26.10 31.82 -12.11
CA LEU B 109 -25.24 31.37 -11.00
C LEU B 109 -25.58 31.95 -9.62
N MET B 110 -26.45 32.96 -9.59
CA MET B 110 -26.82 33.61 -8.33
C MET B 110 -27.02 32.60 -7.21
N LYS B 111 -27.74 31.53 -7.50
CA LYS B 111 -28.03 30.51 -6.49
C LYS B 111 -26.73 29.90 -5.94
N LYS B 112 -25.81 29.58 -6.83
CA LYS B 112 -24.54 28.97 -6.44
C LYS B 112 -23.60 30.00 -5.80
N ILE B 113 -23.84 31.28 -6.10
CA ILE B 113 -23.02 32.35 -5.54
C ILE B 113 -23.45 32.65 -4.10
N THR B 114 -24.76 32.64 -3.86
CA THR B 114 -25.32 32.84 -2.53
C THR B 114 -24.95 31.72 -1.56
N LEU B 115 -24.88 30.49 -2.08
CA LEU B 115 -24.40 29.34 -1.31
C LEU B 115 -22.92 29.48 -0.96
N LEU B 116 -22.10 29.76 -1.98
CA LEU B 116 -20.68 30.06 -1.80
C LEU B 116 -20.47 31.09 -0.69
N LYS B 117 -21.17 32.22 -0.79
CA LYS B 117 -21.08 33.27 0.22
C LYS B 117 -21.55 32.78 1.60
N TYR B 118 -22.50 31.83 1.62
CA TYR B 118 -22.95 31.26 2.89
C TYR B 118 -21.83 30.46 3.54
N PHE B 119 -21.15 29.64 2.75
CA PHE B 119 -20.05 28.82 3.26
C PHE B 119 -18.93 29.68 3.79
N ARG B 120 -18.61 30.74 3.04
CA ARG B 120 -17.57 31.69 3.42
C ARG B 120 -17.86 32.30 4.79
N ASN B 121 -19.10 32.73 5.00
CA ASN B 121 -19.58 33.31 6.24
C ASN B 121 -19.55 32.30 7.38
N TYR B 122 -20.11 31.11 7.15
CA TYR B 122 -20.10 30.08 8.17
C TYR B 122 -18.68 29.69 8.55
N MET B 123 -17.81 29.54 7.55
CA MET B 123 -16.40 29.23 7.83
C MET B 123 -15.66 30.33 8.61
N SER B 124 -16.00 31.59 8.31
CA SER B 124 -15.39 32.76 8.95
C SER B 124 -15.80 32.89 10.41
N GLU B 125 -17.10 32.77 10.65
CA GLU B 125 -17.69 33.01 11.96
C GLU B 125 -17.49 31.86 12.95
N HIS B 126 -17.40 30.63 12.43
CA HIS B 126 -17.50 29.43 13.27
C HIS B 126 -16.38 28.40 13.15
N LEU B 127 -15.40 28.63 12.29
CA LEU B 127 -14.30 27.68 12.15
C LEU B 127 -12.96 28.37 12.16
N LEU B 128 -11.95 27.70 12.72
CA LEU B 128 -10.59 28.21 12.70
C LEU B 128 -9.76 27.51 11.61
N LYS B 129 -8.65 28.16 11.26
CA LYS B 129 -7.86 27.78 10.12
C LYS B 129 -6.84 26.72 10.48
N ALA B 130 -7.02 25.51 9.95
CA ALA B 130 -6.04 24.45 10.12
C ALA B 130 -4.73 24.85 9.48
N GLY B 131 -3.62 24.60 10.20
CA GLY B 131 -2.27 24.95 9.71
C GLY B 131 -2.01 26.45 9.63
N ALA B 132 -2.71 27.21 10.47
CA ALA B 132 -2.63 28.67 10.47
C ALA B 132 -1.23 29.17 10.78
N ASN B 133 -0.50 28.43 11.62
CA ASN B 133 0.85 28.79 12.00
C ASN B 133 1.90 28.45 10.92
N ILE B 134 1.47 27.76 9.86
CA ILE B 134 2.39 27.38 8.79
C ILE B 134 2.32 28.28 7.56
N THR B 135 3.48 28.82 7.19
CA THR B 135 3.66 29.50 5.92
C THR B 135 3.96 28.46 4.85
N PRO B 136 3.18 28.47 3.75
CA PRO B 136 3.44 27.61 2.59
C PRO B 136 4.72 28.01 1.85
N ARG B 137 5.26 27.10 1.03
CA ARG B 137 6.45 27.40 0.23
C ARG B 137 6.13 28.37 -0.92
N GLU B 138 7.13 28.69 -1.73
CA GLU B 138 6.94 29.65 -2.82
C GLU B 138 6.33 29.02 -4.08
N GLY B 139 6.98 27.98 -4.61
CA GLY B 139 6.60 27.39 -5.90
C GLY B 139 6.33 28.48 -6.93
N ASP B 140 5.17 28.40 -7.58
CA ASP B 140 4.65 29.46 -8.48
C ASP B 140 5.58 29.86 -9.62
N LEU B 142 2.83 31.54 -11.02
CA LEU B 142 2.22 30.90 -12.19
C LEU B 142 1.44 29.60 -11.90
N ALA B 143 1.79 28.93 -10.79
CA ALA B 143 1.07 27.75 -10.29
C ALA B 143 -0.44 28.01 -10.17
N ARG B 144 -1.25 27.02 -10.54
CA ARG B 144 -2.71 27.22 -10.54
C ARG B 144 -3.37 26.72 -9.27
N LEU B 145 -4.43 27.42 -8.86
CA LEU B 145 -5.19 27.04 -7.68
C LEU B 145 -5.92 25.72 -7.94
N PRO B 146 -5.71 24.72 -7.07
CA PRO B 146 -6.44 23.44 -7.20
C PRO B 146 -7.88 23.54 -6.76
N TYR B 147 -8.73 22.67 -7.28
CA TYR B 147 -10.10 22.54 -6.78
C TYR B 147 -10.25 21.24 -6.04
N LEU B 148 -11.45 21.02 -5.49
CA LEU B 148 -11.75 19.76 -4.85
C LEU B 148 -12.23 18.75 -5.88
N ARG B 149 -11.33 17.86 -6.28
CA ARG B 149 -11.68 16.79 -7.24
C ARG B 149 -12.78 15.90 -6.67
N THR B 150 -12.52 15.30 -5.52
CA THR B 150 -13.45 14.35 -4.95
C THR B 150 -13.17 14.24 -3.47
N TRP B 151 -14.19 13.84 -2.72
CA TRP B 151 -14.07 13.69 -1.27
C TRP B 151 -14.97 12.56 -0.78
N PHE B 152 -14.59 11.95 0.33
CA PHE B 152 -15.46 11.05 1.06
C PHE B 152 -15.08 11.12 2.53
N ARG B 153 -15.93 10.56 3.39
CA ARG B 153 -15.59 10.41 4.79
C ARG B 153 -15.95 9.02 5.32
N THR B 154 -15.08 8.46 6.15
CA THR B 154 -15.32 7.21 6.86
C THR B 154 -15.74 7.53 8.28
N ARG B 155 -16.03 6.49 9.07
CA ARG B 155 -16.46 6.72 10.45
C ARG B 155 -15.30 7.15 11.34
N SER B 156 -14.12 7.36 10.75
CA SER B 156 -12.92 7.77 11.51
C SER B 156 -12.24 9.05 10.99
N ALA B 157 -12.32 9.29 9.68
CA ALA B 157 -11.66 10.44 9.05
C ALA B 157 -12.46 11.03 7.86
N ILE B 158 -12.08 12.23 7.42
CA ILE B 158 -12.54 12.75 6.11
C ILE B 158 -11.37 12.80 5.13
N ILE B 159 -11.62 12.33 3.91
CA ILE B 159 -10.59 12.27 2.87
C ILE B 159 -10.86 13.33 1.80
N LEU B 160 -9.84 14.13 1.48
CA LEU B 160 -9.97 15.27 0.57
C LEU B 160 -8.95 15.23 -0.56
N HIS B 161 -9.41 14.98 -1.78
CA HIS B 161 -8.53 14.84 -2.93
C HIS B 161 -8.50 16.12 -3.77
N LEU B 162 -7.36 16.79 -3.73
CA LEU B 162 -7.18 18.04 -4.47
C LEU B 162 -6.78 17.78 -5.91
N SER B 163 -7.13 18.73 -6.78
CA SER B 163 -6.94 18.57 -8.22
C SER B 163 -5.50 18.80 -8.66
N ASN B 164 -4.67 19.34 -7.77
CA ASN B 164 -3.24 19.46 -8.04
C ASN B 164 -2.49 18.16 -7.73
N GLY B 165 -3.26 17.11 -7.44
CA GLY B 165 -2.76 15.76 -7.18
C GLY B 165 -2.74 15.38 -5.72
N SER B 166 -2.80 16.38 -4.85
CA SER B 166 -2.73 16.18 -3.40
C SER B 166 -3.95 15.51 -2.75
N VAL B 167 -3.68 14.72 -1.72
CA VAL B 167 -4.68 14.02 -0.96
C VAL B 167 -4.44 14.35 0.51
N GLN B 168 -5.48 14.89 1.14
CA GLN B 168 -5.46 15.26 2.56
C GLN B 168 -6.41 14.37 3.33
N ILE B 169 -5.97 13.85 4.47
CA ILE B 169 -6.83 13.03 5.33
C ILE B 169 -6.84 13.65 6.72
N ASN B 170 -8.03 13.99 7.22
CA ASN B 170 -8.17 14.60 8.54
C ASN B 170 -8.84 13.64 9.50
N PHE B 171 -8.14 13.28 10.57
CA PHE B 171 -8.70 12.35 11.55
C PHE B 171 -9.58 13.06 12.57
N PHE B 172 -10.73 12.45 12.84
CA PHE B 172 -11.71 13.02 13.77
C PHE B 172 -11.30 12.85 15.23
N GLN B 173 -10.71 11.70 15.54
CA GLN B 173 -10.44 11.29 16.93
C GLN B 173 -9.46 12.19 17.67
N ASP B 174 -8.51 12.77 16.96
CA ASP B 174 -7.44 13.51 17.61
C ASP B 174 -6.99 14.77 16.84
N HIS B 175 -7.78 15.15 15.84
CA HIS B 175 -7.52 16.35 15.04
C HIS B 175 -6.19 16.30 14.30
N THR B 176 -5.60 15.11 14.19
CA THR B 176 -4.35 14.96 13.47
C THR B 176 -4.62 14.87 11.97
N LYS B 177 -3.72 15.44 11.18
CA LYS B 177 -3.93 15.67 9.75
C LYS B 177 -2.78 15.18 8.87
N LEU B 178 -3.09 14.85 7.62
CA LEU B 178 -2.06 14.46 6.64
C LEU B 178 -2.27 15.17 5.32
N ILE B 179 -1.20 15.78 4.81
CA ILE B 179 -1.22 16.32 3.45
C ILE B 179 -0.21 15.56 2.61
N LEU B 180 -0.69 14.70 1.73
CA LEU B 180 0.19 13.93 0.85
C LEU B 180 0.25 14.55 -0.56
N CYS B 181 1.45 14.85 -1.03
CA CYS B 181 1.67 15.36 -2.38
C CYS B 181 2.47 14.35 -3.20
N PRO B 182 1.91 13.88 -4.33
CA PRO B 182 2.61 12.87 -5.14
C PRO B 182 3.74 13.47 -5.96
N LEU B 183 3.76 14.81 -6.08
CA LEU B 183 4.75 15.49 -6.91
C LEU B 183 6.05 15.66 -6.15
N MET B 184 5.95 16.07 -4.89
CA MET B 184 7.10 16.18 -4.01
C MET B 184 7.38 14.82 -3.36
N ALA B 185 6.49 13.85 -3.62
CA ALA B 185 6.51 12.55 -2.94
C ALA B 185 6.71 12.78 -1.45
N ALA B 186 5.89 13.67 -0.87
CA ALA B 186 6.07 14.15 0.50
C ALA B 186 4.81 13.99 1.36
N VAL B 187 5.01 13.92 2.67
CA VAL B 187 3.91 13.92 3.65
C VAL B 187 4.06 15.03 4.68
N THR B 188 2.98 15.77 4.90
CA THR B 188 2.91 16.75 5.99
C THR B 188 2.10 16.18 7.15
N TYR B 189 2.67 16.18 8.34
CA TYR B 189 1.98 15.66 9.49
C TYR B 189 1.72 16.70 10.59
N ILE B 190 0.44 16.95 10.85
CA ILE B 190 0.02 17.82 11.94
C ILE B 190 -0.49 16.96 13.10
N ASP B 191 0.19 17.06 14.24
CA ASP B 191 -0.10 16.24 15.40
C ASP B 191 -1.21 16.85 16.27
N GLU B 192 -1.46 16.26 17.43
CA GLU B 192 -2.56 16.68 18.31
C GLU B 192 -2.37 18.08 18.91
N LYS B 193 -1.11 18.49 19.07
CA LYS B 193 -0.79 19.83 19.59
C LYS B 193 -0.47 20.82 18.46
N ARG B 194 -0.86 20.45 17.23
CA ARG B 194 -0.76 21.28 16.02
C ARG B 194 0.67 21.58 15.53
N ASP B 195 1.59 20.69 15.85
CA ASP B 195 2.96 20.70 15.34
C ASP B 195 2.93 20.32 13.86
N PHE B 196 3.75 20.97 13.06
CA PHE B 196 3.68 20.88 11.60
C PHE B 196 5.04 20.41 11.07
N ARG B 197 5.09 19.17 10.60
CA ARG B 197 6.33 18.63 10.02
C ARG B 197 6.08 18.05 8.63
N THR B 198 6.74 18.63 7.63
CA THR B 198 6.71 18.08 6.27
C THR B 198 7.98 17.23 6.03
N TYR B 199 7.77 15.95 5.71
CA TYR B 199 8.85 14.96 5.46
C TYR B 199 8.92 14.56 3.99
N ARG B 200 10.07 14.04 3.57
CA ARG B 200 10.08 13.30 2.31
C ARG B 200 9.87 11.82 2.63
N LEU B 201 8.93 11.21 1.90
CA LEU B 201 8.49 9.84 2.13
C LEU B 201 9.63 8.82 1.99
N SER B 202 10.37 8.92 0.91
CA SER B 202 11.51 8.03 0.66
C SER B 202 12.52 8.06 1.82
N LEU B 203 12.61 9.21 2.49
CA LEU B 203 13.58 9.39 3.58
C LEU B 203 13.04 8.85 4.90
N LEU B 204 11.72 8.64 4.98
CA LEU B 204 11.11 7.93 6.10
C LEU B 204 11.40 6.44 6.01
N GLU B 205 11.54 5.92 4.78
CA GLU B 205 11.98 4.55 4.56
C GLU B 205 13.35 4.38 5.18
N GLU B 206 14.20 5.38 4.96
CA GLU B 206 15.59 5.32 5.36
C GLU B 206 15.74 5.50 6.88
N TYR B 207 15.34 6.67 7.36
CA TYR B 207 15.65 7.08 8.74
C TYR B 207 14.63 6.63 9.79
N GLY B 208 13.47 6.17 9.34
CA GLY B 208 12.43 5.69 10.24
C GLY B 208 11.48 6.79 10.71
N CYS B 209 10.42 6.39 11.39
CA CYS B 209 9.47 7.36 11.94
C CYS B 209 8.69 6.75 13.10
N CYS B 210 7.87 7.57 13.74
CA CYS B 210 7.09 7.11 14.89
C CYS B 210 5.90 6.23 14.48
N LYS B 211 5.34 5.55 15.48
CA LYS B 211 4.18 4.68 15.31
C LYS B 211 2.94 5.42 14.85
N GLU B 212 2.70 6.60 15.40
CA GLU B 212 1.52 7.39 15.02
C GLU B 212 1.62 7.95 13.60
N LEU B 213 2.81 8.24 13.13
CA LEU B 213 2.97 8.59 11.73
C LEU B 213 2.81 7.35 10.85
N ALA B 214 3.50 6.27 11.21
CA ALA B 214 3.52 5.03 10.41
C ALA B 214 2.16 4.39 10.28
N SER B 215 1.35 4.46 11.32
CA SER B 215 0.02 3.85 11.31
C SER B 215 -0.96 4.67 10.47
N ARG B 216 -0.76 5.98 10.46
CA ARG B 216 -1.57 6.91 9.69
C ARG B 216 -1.23 6.84 8.20
N LEU B 217 0.02 6.56 7.88
CA LEU B 217 0.44 6.35 6.50
C LEU B 217 -0.07 5.00 5.99
N ARG B 218 -0.22 4.06 6.92
CA ARG B 218 -0.74 2.73 6.62
C ARG B 218 -2.23 2.83 6.32
N TYR B 219 -2.90 3.67 7.10
CA TYR B 219 -4.32 4.00 6.90
C TYR B 219 -4.54 4.77 5.60
N ALA B 220 -3.66 5.75 5.35
CA ALA B 220 -3.68 6.59 4.16
C ALA B 220 -3.69 5.82 2.82
N ARG B 221 -2.92 4.74 2.75
CA ARG B 221 -2.87 3.93 1.51
C ARG B 221 -4.26 3.36 1.21
N THR B 222 -4.91 2.85 2.25
CA THR B 222 -6.25 2.27 2.13
C THR B 222 -7.22 3.29 1.54
N MET B 223 -7.11 4.53 2.02
CA MET B 223 -7.85 5.65 1.48
C MET B 223 -7.54 5.92 -0.01
N VAL B 224 -6.27 5.88 -0.40
CA VAL B 224 -5.90 6.05 -1.81
C VAL B 224 -6.47 4.91 -2.66
N ASP B 225 -6.26 3.66 -2.21
CA ASP B 225 -6.90 2.49 -2.82
C ASP B 225 -8.37 2.77 -3.16
N LYS B 226 -9.07 3.44 -2.24
CA LYS B 226 -10.48 3.77 -2.39
C LYS B 226 -10.70 4.86 -3.43
N LEU B 227 -9.80 5.82 -3.48
CA LEU B 227 -9.93 6.89 -4.45
C LEU B 227 -9.73 6.37 -5.87
N LEU B 228 -8.71 5.54 -6.05
CA LEU B 228 -8.29 5.07 -7.37
C LEU B 228 -9.24 4.09 -8.04
N SER B 229 -10.11 3.45 -7.25
CA SER B 229 -11.10 2.53 -7.81
C SER B 229 -12.53 3.06 -7.63
N SER B 230 -12.66 4.38 -7.58
CA SER B 230 -13.96 5.01 -7.42
C SER B 230 -14.50 5.41 -8.78
#